data_5FCB
#
_entry.id   5FCB
#
_cell.length_a   124.033
_cell.length_b   132.381
_cell.length_c   79.742
_cell.angle_alpha   90.00
_cell.angle_beta   90.00
_cell.angle_gamma   90.00
#
_symmetry.space_group_name_H-M   'C 2 2 21'
#
loop_
_entity.id
_entity.type
_entity.pdbx_description
1 polymer 'Acid sphingomyelinase-like phosphodiesterase 3a'
2 branched 2-acetamido-2-deoxy-beta-D-glucopyranose-(1-4)-[alpha-L-fucopyranose-(1-6)]2-acetamido-2-deoxy-beta-D-glucopyranose
3 branched alpha-D-mannopyranose-(1-3)-[alpha-D-mannopyranose-(1-6)]beta-D-mannopyranose-(1-4)-2-acetamido-2-deoxy-beta-D-glucopyranose-(1-4)-2-acetamido-2-deoxy-beta-D-glucopyranose
4 branched alpha-L-fucopyranose-(1-6)-2-acetamido-2-deoxy-beta-D-glucopyranose
5 non-polymer 'ZINC ION'
6 non-polymer 'ADENOSINE MONOPHOSPHATE'
7 non-polymer GLYCEROL
8 water water
#
_entity_poly.entity_id   1
_entity_poly.type   'polypeptide(L)'
_entity_poly.pdbx_seq_one_letter_code
;DRHHHHHHKLVPLAPADRAPAVGQFWHVTDLHLDPTYHITDDRTKVCASSKGANASNPGPFGDVLCDSPYQLILSAFDFI
KNSGQEASFMIWTGDSPPHVPVPELSTGTVIKVITNMTMTVQNLFPNLQVFPALGNHDYWPQDQLPIVTSKVYSAVADLW
KPWLGEEAISTLKKGGFYSQKVASNPGLRIISLNTNLYYGPNIMTLNKTDPANQFEWLENTLNSSLWNKEKVYIIAHVPV
GYLPYATDTPAIRQYYNEKLLDIFRRYSSVIAGQFYGHTHRDSLMVLSDKNGNPLNSVFVAPAVTPVKGVLQKETNNPGV
RLFQYKPGDYTLLDMVQYYLNLTEANLKGESNWTLEYVLTQAYSVADLQPKSLYALVQQFATKDSKQFLKYYHYYFVSYD
SSATCDQHCKTLQVCAIMNLDSMSYDDCLKQHL
;
_entity_poly.pdbx_strand_id   A
#
loop_
_chem_comp.id
_chem_comp.type
_chem_comp.name
_chem_comp.formula
AMP non-polymer 'ADENOSINE MONOPHOSPHATE' 'C10 H14 N5 O7 P'
BMA D-saccharide, beta linking beta-D-mannopyranose 'C6 H12 O6'
FUC L-saccharide, alpha linking alpha-L-fucopyranose 'C6 H12 O5'
GOL non-polymer GLYCEROL 'C3 H8 O3'
MAN D-saccharide, alpha linking alpha-D-mannopyranose 'C6 H12 O6'
NAG D-saccharide, beta linking 2-acetamido-2-deoxy-beta-D-glucopyranose 'C8 H15 N O6'
ZN non-polymer 'ZINC ION' 'Zn 2'
#
# COMPACT_ATOMS: atom_id res chain seq x y z
N HIS A 8 -39.36 11.44 29.05
CA HIS A 8 -39.61 10.14 29.66
C HIS A 8 -39.85 9.06 28.60
N LYS A 9 -39.01 9.07 27.55
CA LYS A 9 -39.28 8.24 26.38
C LYS A 9 -38.06 7.54 25.79
N LEU A 10 -36.85 7.69 26.36
CA LEU A 10 -35.70 6.87 25.98
C LEU A 10 -35.34 7.01 24.50
N VAL A 11 -35.20 8.25 24.05
CA VAL A 11 -34.75 8.53 22.68
C VAL A 11 -33.24 8.71 22.70
N PRO A 12 -32.50 8.22 21.71
CA PRO A 12 -31.06 8.48 21.65
C PRO A 12 -30.78 9.98 21.81
N LEU A 13 -29.70 10.29 22.53
CA LEU A 13 -29.36 11.66 22.87
C LEU A 13 -28.76 12.35 21.65
N ALA A 14 -29.40 13.43 21.20
CA ALA A 14 -28.94 14.11 20.00
C ALA A 14 -27.57 14.74 20.23
N PRO A 15 -26.63 14.56 19.31
CA PRO A 15 -25.35 15.27 19.44
C PRO A 15 -25.49 16.74 19.11
N ALA A 16 -24.45 17.51 19.42
CA ALA A 16 -24.44 18.93 19.10
C ALA A 16 -24.49 19.14 17.59
N ASP A 17 -24.96 20.32 17.20
CA ASP A 17 -24.97 20.70 15.79
C ASP A 17 -23.57 20.92 15.24
N ARG A 18 -22.54 20.83 16.09
CA ARG A 18 -21.17 20.99 15.63
C ARG A 18 -20.90 20.08 14.44
N ALA A 19 -19.94 20.49 13.60
CA ALA A 19 -19.58 19.68 12.45
C ALA A 19 -19.04 18.34 12.93
N PRO A 20 -19.52 17.21 12.39
CA PRO A 20 -18.93 15.92 12.78
C PRO A 20 -17.45 15.89 12.45
N ALA A 21 -16.66 15.31 13.35
CA ALA A 21 -15.24 15.17 13.10
C ALA A 21 -15.02 14.20 11.95
N VAL A 22 -14.08 14.54 11.07
CA VAL A 22 -13.74 13.62 10.00
C VAL A 22 -13.29 12.31 10.63
N GLY A 23 -13.49 11.22 9.91
CA GLY A 23 -12.90 9.97 10.29
C GLY A 23 -11.48 9.85 9.78
N GLN A 24 -10.67 9.01 10.41
CA GLN A 24 -9.30 8.80 10.00
C GLN A 24 -8.90 7.33 10.11
N PHE A 25 -8.02 6.90 9.20
CA PHE A 25 -7.41 5.60 9.32
C PHE A 25 -5.98 5.67 8.81
N TRP A 26 -5.14 4.80 9.37
CA TRP A 26 -3.75 4.68 9.01
C TRP A 26 -3.55 3.62 7.93
N HIS A 27 -2.55 3.85 7.08
CA HIS A 27 -2.08 2.86 6.12
C HIS A 27 -0.58 2.70 6.32
N VAL A 28 -0.17 1.47 6.66
CA VAL A 28 1.25 1.10 6.74
C VAL A 28 1.47 -0.08 5.80
N THR A 29 2.67 -0.15 5.21
CA THR A 29 2.93 -1.21 4.26
C THR A 29 4.44 -1.47 4.15
N ASP A 30 4.76 -2.69 3.75
CA ASP A 30 6.12 -3.06 3.33
C ASP A 30 7.14 -2.80 4.44
N LEU A 31 6.86 -3.43 5.59
CA LEU A 31 7.72 -3.27 6.75
C LEU A 31 9.08 -3.93 6.55
N HIS A 32 9.09 -5.12 5.92
CA HIS A 32 10.32 -5.85 5.57
C HIS A 32 11.33 -5.81 6.72
N LEU A 33 10.96 -6.41 7.84
CA LEU A 33 11.90 -6.58 8.95
C LEU A 33 13.10 -7.42 8.49
N ASP A 34 14.31 -6.92 8.78
CA ASP A 34 15.51 -7.74 8.63
C ASP A 34 16.07 -8.04 10.02
N PRO A 35 15.79 -9.23 10.58
CA PRO A 35 16.29 -9.54 11.93
C PRO A 35 17.81 -9.64 12.01
N THR A 36 18.51 -9.74 10.88
CA THR A 36 19.97 -9.84 10.91
C THR A 36 20.65 -8.50 11.08
N TYR A 37 19.90 -7.39 11.10
CA TYR A 37 20.53 -6.08 11.01
C TYR A 37 21.38 -5.81 12.25
N HIS A 38 22.63 -5.43 12.04
CA HIS A 38 23.47 -5.00 13.15
C HIS A 38 24.68 -4.27 12.61
N ILE A 39 25.11 -3.23 13.32
CA ILE A 39 26.28 -2.48 12.89
C ILE A 39 27.53 -3.31 13.14
N THR A 40 28.41 -3.37 12.14
CA THR A 40 29.66 -4.09 12.28
C THR A 40 30.66 -3.48 11.32
N ASP A 41 31.96 -3.70 11.61
CA ASP A 41 33.01 -3.06 10.83
C ASP A 41 32.96 -3.49 9.37
N ASP A 42 32.81 -4.78 9.12
CA ASP A 42 32.67 -5.31 7.77
C ASP A 42 31.25 -5.01 7.33
N ARG A 43 31.09 -3.98 6.50
CA ARG A 43 29.76 -3.51 6.12
CA ARG A 43 29.75 -3.52 6.14
C ARG A 43 29.02 -4.49 5.22
N THR A 44 29.68 -5.57 4.77
CA THR A 44 28.99 -6.63 4.06
C THR A 44 28.28 -7.59 5.01
N LYS A 45 28.40 -7.35 6.32
CA LYS A 45 27.77 -8.19 7.32
C LYS A 45 26.77 -7.42 8.17
N VAL A 46 26.47 -6.17 7.81
CA VAL A 46 25.47 -5.40 8.55
C VAL A 46 24.08 -6.01 8.40
N CYS A 47 23.75 -6.49 7.20
CA CYS A 47 22.40 -7.00 6.97
C CYS A 47 22.42 -8.01 5.84
N ALA A 48 21.79 -9.16 6.08
CA ALA A 48 21.73 -10.16 5.04
C ALA A 48 20.98 -9.65 3.81
N SER A 49 20.07 -8.69 3.99
CA SER A 49 19.29 -8.21 2.86
C SER A 49 20.11 -7.41 1.85
N SER A 50 21.33 -6.98 2.21
CA SER A 50 22.18 -6.37 1.20
C SER A 50 22.88 -7.41 0.31
N LYS A 51 22.76 -8.69 0.67
CA LYS A 51 23.21 -9.81 -0.16
C LYS A 51 24.70 -9.65 -0.49
N GLY A 52 25.48 -9.29 0.51
CA GLY A 52 26.92 -9.20 0.39
C GLY A 52 27.43 -7.84 -0.01
N ALA A 53 26.56 -6.92 -0.42
CA ALA A 53 27.00 -5.56 -0.69
C ALA A 53 27.35 -4.85 0.60
N ASN A 54 28.27 -3.90 0.50
CA ASN A 54 28.59 -3.04 1.63
C ASN A 54 27.42 -2.09 1.90
N ALA A 55 26.86 -2.18 3.10
CA ALA A 55 25.95 -1.13 3.55
C ALA A 55 26.60 0.22 3.30
N SER A 56 25.80 1.20 2.89
CA SER A 56 26.34 2.44 2.37
C SER A 56 26.75 3.40 3.49
N ASN A 57 25.92 3.55 4.51
CA ASN A 57 26.16 4.47 5.62
C ASN A 57 25.23 4.09 6.76
N PRO A 58 25.40 2.89 7.30
CA PRO A 58 24.37 2.33 8.19
C PRO A 58 24.32 3.04 9.54
N GLY A 59 23.10 3.16 10.07
CA GLY A 59 22.89 3.64 11.41
C GLY A 59 21.83 2.83 12.13
N PRO A 60 21.42 3.31 13.31
CA PRO A 60 20.48 2.52 14.13
C PRO A 60 19.13 2.33 13.48
N PHE A 61 18.73 3.21 12.56
CA PHE A 61 17.43 3.12 11.92
C PHE A 61 17.51 2.53 10.52
N GLY A 62 18.71 2.17 10.06
CA GLY A 62 18.83 1.35 8.87
C GLY A 62 19.82 1.92 7.88
N ASP A 63 19.73 1.41 6.65
CA ASP A 63 20.64 1.78 5.58
C ASP A 63 19.89 1.61 4.27
N VAL A 64 20.23 2.42 3.26
CA VAL A 64 19.54 2.31 1.98
C VAL A 64 19.74 0.97 1.30
N LEU A 65 20.79 0.21 1.63
CA LEU A 65 20.98 -1.11 1.05
C LEU A 65 20.48 -2.24 1.95
N CYS A 66 19.79 -1.91 3.03
CA CYS A 66 19.26 -2.90 3.95
C CYS A 66 17.74 -2.75 4.09
N ASP A 67 17.09 -3.85 4.45
CA ASP A 67 15.73 -3.80 4.93
C ASP A 67 15.71 -3.33 6.39
N SER A 68 14.53 -3.30 6.96
CA SER A 68 14.26 -2.51 8.16
C SER A 68 14.87 -3.15 9.40
N PRO A 69 15.69 -2.43 10.16
CA PRO A 69 15.96 -2.90 11.53
C PRO A 69 14.69 -2.83 12.34
N TYR A 70 14.58 -3.74 13.31
CA TYR A 70 13.41 -3.70 14.19
C TYR A 70 13.21 -2.30 14.77
N GLN A 71 14.30 -1.61 15.11
CA GLN A 71 14.16 -0.28 15.71
C GLN A 71 13.47 0.70 14.77
N LEU A 72 13.64 0.54 13.45
CA LEU A 72 12.95 1.42 12.52
C LEU A 72 11.45 1.17 12.55
N ILE A 73 11.06 -0.11 12.49
CA ILE A 73 9.64 -0.45 12.51
C ILE A 73 9.02 0.01 13.82
N LEU A 74 9.71 -0.23 14.93
CA LEU A 74 9.20 0.23 16.21
CA LEU A 74 9.20 0.23 16.21
C LEU A 74 9.03 1.74 16.21
N SER A 75 9.97 2.49 15.62
CA SER A 75 9.85 3.93 15.64
C SER A 75 8.66 4.39 14.81
N ALA A 76 8.32 3.67 13.75
CA ALA A 76 7.15 4.02 12.95
C ALA A 76 5.87 3.83 13.76
N PHE A 77 5.72 2.68 14.42
CA PHE A 77 4.49 2.46 15.19
C PHE A 77 4.46 3.31 16.46
N ASP A 78 5.61 3.59 17.08
CA ASP A 78 5.62 4.53 18.20
C ASP A 78 5.18 5.91 17.77
N PHE A 79 5.60 6.35 16.59
CA PHE A 79 5.13 7.63 16.09
C PHE A 79 3.62 7.65 15.96
N ILE A 80 3.04 6.64 15.30
CA ILE A 80 1.59 6.55 15.16
C ILE A 80 0.92 6.63 16.52
N LYS A 81 1.40 5.81 17.46
CA LYS A 81 0.78 5.72 18.79
C LYS A 81 0.78 7.06 19.49
N ASN A 82 1.85 7.84 19.35
CA ASN A 82 2.00 9.09 20.07
C ASN A 82 1.74 10.30 19.20
N SER A 83 1.21 10.11 17.99
CA SER A 83 1.01 11.21 17.05
C SER A 83 -0.06 12.18 17.49
N GLY A 84 -0.95 11.78 18.40
CA GLY A 84 -2.11 12.58 18.71
C GLY A 84 -3.23 12.52 17.69
N GLN A 85 -3.06 11.74 16.63
CA GLN A 85 -4.11 11.55 15.65
C GLN A 85 -5.03 10.44 16.11
N GLU A 86 -6.32 10.73 16.14
CA GLU A 86 -7.30 9.69 16.38
C GLU A 86 -7.56 8.95 15.08
N ALA A 87 -7.71 7.63 15.17
CA ALA A 87 -7.99 6.82 14.01
C ALA A 87 -8.87 5.67 14.45
N SER A 88 -9.82 5.28 13.59
CA SER A 88 -10.73 4.22 13.96
C SER A 88 -10.31 2.87 13.41
N PHE A 89 -9.36 2.82 12.47
CA PHE A 89 -8.78 1.54 12.08
C PHE A 89 -7.46 1.82 11.34
N MET A 90 -6.80 0.72 10.98
CA MET A 90 -5.55 0.74 10.23
C MET A 90 -5.64 -0.31 9.13
N ILE A 91 -5.08 -0.01 7.96
CA ILE A 91 -4.88 -1.01 6.93
C ILE A 91 -3.39 -1.27 6.81
N TRP A 92 -3.03 -2.53 6.56
CA TRP A 92 -1.64 -2.97 6.57
C TRP A 92 -1.43 -3.93 5.39
N THR A 93 -0.80 -3.44 4.32
CA THR A 93 -0.85 -4.15 3.04
C THR A 93 0.40 -4.96 2.73
N GLY A 94 1.03 -5.56 3.74
CA GLY A 94 1.83 -6.76 3.53
C GLY A 94 3.33 -6.50 3.39
N ASP A 95 4.02 -7.63 3.15
CA ASP A 95 5.47 -7.72 2.87
C ASP A 95 6.31 -7.54 4.12
N SER A 96 6.33 -8.56 4.98
CA SER A 96 7.00 -8.44 6.26
C SER A 96 8.39 -9.09 6.32
N PRO A 97 8.65 -10.23 5.69
CA PRO A 97 10.03 -10.79 5.67
C PRO A 97 10.96 -9.95 4.81
N PRO A 98 12.27 -10.09 5.00
CA PRO A 98 13.23 -9.26 4.26
C PRO A 98 13.57 -9.85 2.90
N HIS A 99 14.24 -9.03 2.09
CA HIS A 99 14.72 -9.44 0.77
C HIS A 99 16.04 -10.18 0.93
N VAL A 100 15.93 -11.50 1.07
CA VAL A 100 17.09 -12.40 1.09
C VAL A 100 16.80 -13.58 0.17
N PRO A 101 17.84 -14.29 -0.26
CA PRO A 101 17.61 -15.45 -1.14
C PRO A 101 16.69 -16.47 -0.49
N VAL A 102 15.98 -17.19 -1.35
CA VAL A 102 14.98 -18.16 -0.91
C VAL A 102 15.58 -19.17 0.06
N PRO A 103 16.79 -19.70 -0.18
CA PRO A 103 17.37 -20.67 0.76
C PRO A 103 17.66 -20.10 2.16
N GLU A 104 17.68 -18.78 2.34
CA GLU A 104 17.88 -18.17 3.65
C GLU A 104 16.60 -17.97 4.41
N LEU A 105 15.47 -18.42 3.87
CA LEU A 105 14.19 -18.35 4.55
C LEU A 105 13.57 -19.74 4.56
N SER A 106 12.36 -19.82 5.09
CA SER A 106 11.58 -21.05 5.13
C SER A 106 10.16 -20.63 5.48
N THR A 107 9.24 -21.59 5.35
CA THR A 107 7.87 -21.32 5.79
C THR A 107 7.84 -20.91 7.25
N GLY A 108 8.57 -21.62 8.10
CA GLY A 108 8.56 -21.30 9.52
C GLY A 108 9.13 -19.94 9.81
N THR A 109 10.19 -19.55 9.09
CA THR A 109 10.78 -18.23 9.29
C THR A 109 9.82 -17.13 8.81
N VAL A 110 9.20 -17.31 7.65
CA VAL A 110 8.24 -16.33 7.16
C VAL A 110 7.13 -16.13 8.18
N ILE A 111 6.56 -17.23 8.68
CA ILE A 111 5.49 -17.14 9.66
C ILE A 111 5.98 -16.44 10.92
N LYS A 112 7.24 -16.68 11.29
CA LYS A 112 7.80 -16.07 12.48
C LYS A 112 7.91 -14.56 12.35
N VAL A 113 8.30 -14.07 11.17
CA VAL A 113 8.39 -12.63 10.97
C VAL A 113 7.00 -12.00 10.94
N ILE A 114 6.07 -12.62 10.22
CA ILE A 114 4.70 -12.08 10.18
C ILE A 114 4.11 -12.07 11.58
N THR A 115 4.38 -13.11 12.36
CA THR A 115 3.94 -13.16 13.75
C THR A 115 4.52 -12.00 14.54
N ASN A 116 5.83 -11.76 14.39
CA ASN A 116 6.48 -10.66 15.10
C ASN A 116 5.82 -9.33 14.75
N MET A 117 5.65 -9.05 13.46
CA MET A 117 5.00 -7.80 13.07
C MET A 117 3.58 -7.73 13.62
N THR A 118 2.82 -8.82 13.50
CA THR A 118 1.43 -8.81 13.96
C THR A 118 1.36 -8.53 15.46
N MET A 119 2.22 -9.21 16.23
CA MET A 119 2.22 -9.03 17.69
C MET A 119 2.73 -7.65 18.08
N THR A 120 3.67 -7.10 17.32
CA THR A 120 4.10 -5.72 17.55
C THR A 120 2.91 -4.79 17.45
N VAL A 121 2.09 -4.96 16.41
CA VAL A 121 0.96 -4.08 16.21
C VAL A 121 -0.08 -4.29 17.31
N GLN A 122 -0.39 -5.55 17.62
CA GLN A 122 -1.41 -5.83 18.61
C GLN A 122 -0.99 -5.36 20.01
N ASN A 123 0.31 -5.49 20.33
CA ASN A 123 0.80 -5.02 21.62
C ASN A 123 0.70 -3.50 21.74
N LEU A 124 1.03 -2.77 20.68
CA LEU A 124 1.02 -1.32 20.74
C LEU A 124 -0.38 -0.72 20.55
N PHE A 125 -1.28 -1.45 19.87
CA PHE A 125 -2.60 -0.92 19.51
C PHE A 125 -3.66 -1.93 19.90
N PRO A 126 -3.80 -2.21 21.19
CA PRO A 126 -4.72 -3.28 21.61
C PRO A 126 -6.18 -3.01 21.29
N ASN A 127 -6.57 -1.76 21.05
CA ASN A 127 -7.96 -1.42 20.80
C ASN A 127 -8.24 -1.01 19.36
N LEU A 128 -7.31 -1.26 18.43
CA LEU A 128 -7.43 -0.80 17.05
C LEU A 128 -7.70 -1.98 16.13
N GLN A 129 -8.78 -1.92 15.36
CA GLN A 129 -9.04 -2.93 14.33
C GLN A 129 -8.08 -2.69 13.17
N VAL A 130 -7.38 -3.73 12.77
CA VAL A 130 -6.39 -3.66 11.69
C VAL A 130 -6.81 -4.64 10.60
N PHE A 131 -6.69 -4.20 9.34
CA PHE A 131 -7.05 -5.01 8.18
C PHE A 131 -5.80 -5.30 7.39
N PRO A 132 -5.21 -6.48 7.55
CA PRO A 132 -4.00 -6.82 6.80
C PRO A 132 -4.32 -7.42 5.44
N ALA A 133 -3.35 -7.26 4.54
CA ALA A 133 -3.29 -8.02 3.31
C ALA A 133 -1.92 -8.68 3.22
N LEU A 134 -1.88 -9.82 2.54
CA LEU A 134 -0.63 -10.53 2.28
C LEU A 134 0.14 -9.87 1.15
N GLY A 135 1.46 -9.81 1.30
CA GLY A 135 2.35 -9.40 0.23
C GLY A 135 3.06 -10.61 -0.39
N ASN A 136 3.80 -10.34 -1.47
CA ASN A 136 4.44 -11.43 -2.20
C ASN A 136 5.59 -12.07 -1.42
N HIS A 137 6.21 -11.33 -0.49
CA HIS A 137 7.22 -11.92 0.38
C HIS A 137 6.63 -12.62 1.59
N ASP A 138 5.31 -12.57 1.79
CA ASP A 138 4.63 -13.21 2.91
C ASP A 138 4.29 -14.66 2.61
N TYR A 139 5.26 -15.37 2.03
CA TYR A 139 5.11 -16.76 1.66
C TYR A 139 6.50 -17.33 1.41
N TRP A 140 6.64 -18.64 1.58
CA TRP A 140 7.89 -19.29 1.22
C TRP A 140 7.65 -20.44 0.24
N PRO A 141 8.38 -20.44 -0.90
CA PRO A 141 9.28 -19.40 -1.40
C PRO A 141 8.51 -18.12 -1.75
N GLN A 142 9.20 -16.99 -1.77
CA GLN A 142 8.52 -15.74 -2.09
C GLN A 142 7.80 -15.85 -3.43
N ASP A 143 6.69 -15.13 -3.53
CA ASP A 143 5.90 -14.93 -4.74
C ASP A 143 5.05 -16.14 -5.08
N GLN A 144 5.26 -17.31 -4.47
CA GLN A 144 4.56 -18.52 -4.91
C GLN A 144 3.27 -18.75 -4.14
N LEU A 145 2.45 -17.73 -4.03
CA LEU A 145 1.27 -17.83 -3.17
C LEU A 145 0.24 -18.76 -3.81
N PRO A 146 -0.27 -19.75 -3.07
CA PRO A 146 -1.06 -20.82 -3.67
C PRO A 146 -2.54 -20.51 -3.81
N ILE A 147 -3.22 -21.38 -4.57
CA ILE A 147 -4.64 -21.23 -4.87
C ILE A 147 -5.49 -22.16 -4.00
N VAL A 148 -4.88 -22.84 -3.04
CA VAL A 148 -5.58 -23.66 -2.05
C VAL A 148 -5.01 -23.32 -0.68
N THR A 149 -5.62 -23.89 0.36
CA THR A 149 -5.17 -23.56 1.71
C THR A 149 -3.72 -24.00 1.91
N SER A 150 -3.05 -23.33 2.84
CA SER A 150 -1.64 -23.53 3.06
C SER A 150 -1.33 -23.21 4.52
N LYS A 151 -0.11 -23.57 4.93
CA LYS A 151 0.31 -23.28 6.30
C LYS A 151 0.34 -21.78 6.57
N VAL A 152 0.84 -20.98 5.61
CA VAL A 152 0.89 -19.53 5.82
C VAL A 152 -0.52 -18.96 5.92
N TYR A 153 -1.40 -19.36 5.00
CA TYR A 153 -2.77 -18.88 5.05
C TYR A 153 -3.42 -19.24 6.39
N SER A 154 -3.20 -20.47 6.84
CA SER A 154 -3.79 -20.88 8.12
CA SER A 154 -3.79 -20.88 8.12
C SER A 154 -3.15 -20.11 9.27
N ALA A 155 -1.84 -19.85 9.20
CA ALA A 155 -1.18 -19.12 10.27
C ALA A 155 -1.69 -17.69 10.37
N VAL A 156 -1.83 -16.99 9.23
CA VAL A 156 -2.27 -15.60 9.34
C VAL A 156 -3.75 -15.54 9.70
N ALA A 157 -4.51 -16.58 9.35
CA ALA A 157 -5.90 -16.63 9.78
C ALA A 157 -5.99 -16.65 11.31
N ASP A 158 -5.06 -17.34 11.95
CA ASP A 158 -5.03 -17.37 13.42
C ASP A 158 -4.46 -16.08 13.98
N LEU A 159 -3.42 -15.54 13.34
CA LEU A 159 -2.79 -14.31 13.84
C LEU A 159 -3.75 -13.14 13.77
N TRP A 160 -4.57 -13.08 12.73
CA TRP A 160 -5.40 -11.91 12.47
C TRP A 160 -6.82 -12.09 12.98
N LYS A 161 -7.08 -13.19 13.69
CA LYS A 161 -8.42 -13.43 14.23
C LYS A 161 -8.93 -12.31 15.14
N PRO A 162 -8.12 -11.60 15.90
CA PRO A 162 -8.68 -10.51 16.72
C PRO A 162 -9.39 -9.45 15.92
N TRP A 163 -9.08 -9.33 14.62
CA TRP A 163 -9.60 -8.26 13.79
C TRP A 163 -10.71 -8.70 12.84
N LEU A 164 -10.91 -10.01 12.69
CA LEU A 164 -11.69 -10.55 11.60
C LEU A 164 -12.78 -11.48 12.11
N GLY A 165 -13.95 -11.42 11.49
CA GLY A 165 -15.04 -12.33 11.76
C GLY A 165 -14.82 -13.71 11.13
N GLU A 166 -15.79 -14.59 11.42
CA GLU A 166 -15.66 -16.00 11.05
C GLU A 166 -15.57 -16.18 9.53
N GLU A 167 -16.38 -15.44 8.79
CA GLU A 167 -16.38 -15.61 7.34
C GLU A 167 -15.06 -15.15 6.75
N ALA A 168 -14.53 -14.03 7.24
CA ALA A 168 -13.24 -13.54 6.75
C ALA A 168 -12.13 -14.53 7.07
N ILE A 169 -12.15 -15.10 8.27
CA ILE A 169 -11.16 -16.09 8.63
C ILE A 169 -11.23 -17.27 7.67
N SER A 170 -12.44 -17.67 7.28
CA SER A 170 -12.60 -18.85 6.43
CA SER A 170 -12.59 -18.86 6.43
C SER A 170 -12.03 -18.61 5.04
N THR A 171 -12.30 -17.45 4.44
CA THR A 171 -11.78 -17.21 3.10
C THR A 171 -10.28 -16.92 3.13
N LEU A 172 -9.80 -16.30 4.20
CA LEU A 172 -8.37 -16.05 4.35
C LEU A 172 -7.61 -17.36 4.41
N LYS A 173 -8.11 -18.32 5.18
CA LYS A 173 -7.44 -19.61 5.32
C LYS A 173 -7.39 -20.34 3.98
N LYS A 174 -8.41 -20.15 3.14
CA LYS A 174 -8.53 -20.91 1.90
C LYS A 174 -7.73 -20.27 0.76
N GLY A 175 -7.71 -18.95 0.66
CA GLY A 175 -7.12 -18.31 -0.50
C GLY A 175 -6.32 -17.04 -0.25
N GLY A 176 -6.23 -16.60 1.01
CA GLY A 176 -5.44 -15.43 1.34
C GLY A 176 -6.15 -14.10 1.16
N PHE A 177 -7.47 -14.10 1.06
CA PHE A 177 -8.25 -12.88 0.88
C PHE A 177 -9.50 -12.96 1.77
N TYR A 178 -10.11 -11.80 1.99
CA TYR A 178 -11.32 -11.72 2.80
C TYR A 178 -11.97 -10.36 2.60
N SER A 179 -13.22 -10.24 3.05
CA SER A 179 -13.83 -8.95 3.27
C SER A 179 -14.34 -8.91 4.70
N GLN A 180 -14.45 -7.70 5.23
CA GLN A 180 -14.78 -7.53 6.64
C GLN A 180 -15.43 -6.18 6.87
N LYS A 181 -16.59 -6.19 7.51
CA LYS A 181 -17.19 -4.94 7.95
C LYS A 181 -16.32 -4.26 9.00
N VAL A 182 -16.26 -2.94 8.93
CA VAL A 182 -15.48 -2.14 9.87
C VAL A 182 -16.35 -1.86 11.09
N ALA A 183 -15.93 -2.38 12.25
CA ALA A 183 -16.78 -2.33 13.43
C ALA A 183 -17.15 -0.90 13.80
N SER A 184 -16.18 0.01 13.73
CA SER A 184 -16.36 1.40 14.13
C SER A 184 -17.00 2.26 13.06
N ASN A 185 -17.30 1.70 11.88
CA ASN A 185 -17.80 2.49 10.76
C ASN A 185 -18.89 1.71 10.05
N PRO A 186 -20.10 1.71 10.59
CA PRO A 186 -21.19 0.99 9.95
C PRO A 186 -21.44 1.49 8.53
N GLY A 187 -21.60 0.55 7.61
CA GLY A 187 -21.77 0.85 6.21
C GLY A 187 -20.49 0.77 5.40
N LEU A 188 -19.34 0.58 6.05
CA LEU A 188 -18.05 0.46 5.38
C LEU A 188 -17.58 -0.99 5.44
N ARG A 189 -17.12 -1.52 4.31
CA ARG A 189 -16.54 -2.86 4.21
C ARG A 189 -15.15 -2.76 3.60
N ILE A 190 -14.20 -3.45 4.20
CA ILE A 190 -12.86 -3.60 3.63
C ILE A 190 -12.81 -4.88 2.83
N ILE A 191 -12.33 -4.80 1.59
CA ILE A 191 -12.05 -5.99 0.79
C ILE A 191 -10.55 -6.10 0.67
N SER A 192 -9.98 -7.15 1.25
CA SER A 192 -8.54 -7.39 1.23
C SER A 192 -8.25 -8.46 0.20
N LEU A 193 -7.77 -8.04 -0.96
CA LEU A 193 -7.46 -8.98 -2.02
C LEU A 193 -6.06 -9.54 -1.87
N ASN A 194 -5.88 -10.73 -2.42
CA ASN A 194 -4.58 -11.36 -2.58
C ASN A 194 -4.17 -11.16 -4.03
N THR A 195 -3.61 -9.97 -4.34
CA THR A 195 -3.21 -9.73 -5.72
C THR A 195 -1.88 -10.38 -6.07
N ASN A 196 -1.22 -11.01 -5.11
CA ASN A 196 -0.06 -11.83 -5.41
C ASN A 196 -0.43 -13.02 -6.28
N LEU A 197 -1.69 -13.42 -6.28
CA LEU A 197 -2.15 -14.46 -7.21
C LEU A 197 -2.00 -14.02 -8.66
N TYR A 198 -1.88 -12.72 -8.90
CA TYR A 198 -1.80 -12.16 -10.26
C TYR A 198 -0.41 -11.70 -10.61
N TYR A 199 0.55 -11.84 -9.70
CA TYR A 199 1.88 -11.26 -9.84
C TYR A 199 2.75 -12.16 -10.72
N GLY A 200 3.46 -11.54 -11.67
CA GLY A 200 4.19 -12.27 -12.71
C GLY A 200 5.02 -13.46 -12.24
N PRO A 201 5.80 -13.29 -11.17
CA PRO A 201 6.67 -14.40 -10.72
C PRO A 201 5.94 -15.61 -10.14
N ASN A 202 4.62 -15.56 -9.94
CA ASN A 202 3.90 -16.63 -9.25
C ASN A 202 3.64 -17.79 -10.20
N ILE A 203 4.45 -18.85 -10.06
CA ILE A 203 4.28 -20.06 -10.87
C ILE A 203 2.93 -20.71 -10.63
N MET A 204 2.41 -20.62 -9.41
CA MET A 204 1.24 -21.38 -9.01
C MET A 204 -0.03 -20.96 -9.75
N THR A 205 -0.05 -19.78 -10.38
CA THR A 205 -1.27 -19.30 -11.03
C THR A 205 -1.14 -19.21 -12.55
N LEU A 206 -0.05 -19.71 -13.13
CA LEU A 206 0.08 -19.71 -14.57
C LEU A 206 -1.11 -20.38 -15.23
N ASN A 207 -1.66 -19.71 -16.23
CA ASN A 207 -2.76 -20.24 -17.05
C ASN A 207 -4.03 -20.51 -16.24
N LYS A 208 -4.21 -19.87 -15.09
CA LYS A 208 -5.46 -19.94 -14.34
C LYS A 208 -6.32 -18.72 -14.66
N THR A 209 -7.55 -18.95 -15.10
CA THR A 209 -8.44 -17.84 -15.42
C THR A 209 -8.95 -17.14 -14.16
N ASP A 210 -9.17 -17.89 -13.08
CA ASP A 210 -9.66 -17.33 -11.82
C ASP A 210 -9.00 -18.07 -10.66
N PRO A 211 -7.73 -17.81 -10.41
CA PRO A 211 -7.01 -18.51 -9.33
C PRO A 211 -7.67 -18.26 -7.98
N ALA A 212 -7.91 -19.36 -7.25
CA ALA A 212 -8.56 -19.35 -5.95
C ALA A 212 -9.98 -18.77 -6.00
N ASN A 213 -10.55 -18.67 -7.20
CA ASN A 213 -11.89 -18.13 -7.41
C ASN A 213 -12.06 -16.72 -6.85
N GLN A 214 -10.95 -15.96 -6.78
CA GLN A 214 -11.05 -14.63 -6.18
C GLN A 214 -11.88 -13.66 -7.02
N PHE A 215 -11.87 -13.77 -8.35
CA PHE A 215 -12.68 -12.86 -9.17
C PHE A 215 -14.17 -13.11 -8.94
N GLU A 216 -14.57 -14.37 -8.97
CA GLU A 216 -15.97 -14.72 -8.70
C GLU A 216 -16.37 -14.24 -7.32
N TRP A 217 -15.54 -14.51 -6.32
CA TRP A 217 -15.83 -14.07 -4.96
C TRP A 217 -15.89 -12.55 -4.87
N LEU A 218 -14.97 -11.86 -5.56
CA LEU A 218 -14.96 -10.41 -5.53
C LEU A 218 -16.22 -9.83 -6.17
N GLU A 219 -16.62 -10.41 -7.30
CA GLU A 219 -17.84 -9.97 -7.99
C GLU A 219 -19.04 -10.09 -7.07
N ASN A 220 -19.17 -11.25 -6.40
CA ASN A 220 -20.30 -11.47 -5.52
C ASN A 220 -20.25 -10.55 -4.31
N THR A 221 -19.06 -10.35 -3.76
CA THR A 221 -18.90 -9.46 -2.62
C THR A 221 -19.31 -8.03 -2.97
N LEU A 222 -18.83 -7.51 -4.11
CA LEU A 222 -19.16 -6.16 -4.51
C LEU A 222 -20.66 -6.03 -4.84
N ASN A 223 -21.23 -7.07 -5.45
CA ASN A 223 -22.67 -7.02 -5.74
C ASN A 223 -23.47 -6.98 -4.46
N SER A 224 -23.07 -7.75 -3.45
CA SER A 224 -23.77 -7.70 -2.17
CA SER A 224 -23.77 -7.70 -2.17
C SER A 224 -23.63 -6.32 -1.53
N SER A 225 -22.44 -5.74 -1.57
CA SER A 225 -22.25 -4.40 -1.03
C SER A 225 -23.14 -3.40 -1.74
N LEU A 226 -23.23 -3.51 -3.07
CA LEU A 226 -24.07 -2.60 -3.85
C LEU A 226 -25.53 -2.67 -3.38
N TRP A 227 -26.06 -3.87 -3.24
CA TRP A 227 -27.46 -4.02 -2.88
C TRP A 227 -27.72 -3.79 -1.41
N ASN A 228 -26.69 -3.87 -0.57
CA ASN A 228 -26.80 -3.56 0.85
C ASN A 228 -26.37 -2.15 1.17
N LYS A 229 -26.17 -1.32 0.15
CA LYS A 229 -25.85 0.09 0.31
C LYS A 229 -24.61 0.31 1.18
N GLU A 230 -23.64 -0.58 1.04
CA GLU A 230 -22.34 -0.41 1.67
C GLU A 230 -21.39 0.37 0.76
N LYS A 231 -20.36 0.95 1.36
CA LYS A 231 -19.20 1.44 0.65
C LYS A 231 -18.02 0.51 0.91
N VAL A 232 -17.11 0.43 -0.05
CA VAL A 232 -16.00 -0.52 0.01
C VAL A 232 -14.70 0.24 -0.12
N TYR A 233 -13.72 -0.12 0.72
CA TYR A 233 -12.32 0.19 0.47
C TYR A 233 -11.62 -1.10 0.06
N ILE A 234 -10.98 -1.07 -1.13
CA ILE A 234 -10.16 -2.18 -1.61
C ILE A 234 -8.76 -1.98 -1.06
N ILE A 235 -8.20 -3.02 -0.45
CA ILE A 235 -6.79 -3.01 -0.09
C ILE A 235 -6.14 -4.26 -0.67
N ALA A 236 -4.87 -4.11 -1.06
CA ALA A 236 -4.08 -5.24 -1.53
C ALA A 236 -2.62 -4.83 -1.53
N HIS A 237 -1.75 -5.82 -1.80
CA HIS A 237 -0.32 -5.55 -1.87
C HIS A 237 0.09 -5.03 -3.26
N VAL A 238 0.10 -5.89 -4.26
CA VAL A 238 0.50 -5.47 -5.61
C VAL A 238 -0.63 -4.65 -6.23
N PRO A 239 -0.35 -3.48 -6.79
CA PRO A 239 -1.42 -2.66 -7.36
C PRO A 239 -1.84 -3.12 -8.75
N VAL A 240 -3.02 -2.63 -9.15
CA VAL A 240 -3.41 -2.61 -10.56
C VAL A 240 -2.63 -1.50 -11.29
N GLY A 241 -2.79 -1.46 -12.61
CA GLY A 241 -2.16 -0.43 -13.40
C GLY A 241 -0.74 -0.77 -13.80
N TYR A 242 -0.04 0.27 -14.24
CA TYR A 242 1.27 0.16 -14.87
C TYR A 242 2.37 0.69 -13.95
N LEU A 243 3.54 0.06 -14.00
CA LEU A 243 4.67 0.54 -13.21
C LEU A 243 5.07 1.91 -13.73
N PRO A 244 5.19 2.92 -12.87
CA PRO A 244 5.41 4.28 -13.41
C PRO A 244 6.83 4.54 -13.83
N TYR A 245 7.78 3.67 -13.49
CA TYR A 245 9.20 3.84 -13.78
C TYR A 245 9.68 3.00 -14.95
N ALA A 246 8.77 2.26 -15.58
CA ALA A 246 9.09 1.36 -16.67
C ALA A 246 8.07 1.56 -17.78
N THR A 247 8.39 1.11 -18.98
CA THR A 247 7.52 1.32 -20.12
C THR A 247 6.61 0.11 -20.30
N ASP A 248 5.30 0.33 -20.31
CA ASP A 248 4.36 -0.66 -20.80
C ASP A 248 4.44 -1.96 -20.00
N THR A 249 4.61 -1.83 -18.69
CA THR A 249 4.77 -3.00 -17.81
C THR A 249 3.69 -2.99 -16.73
N PRO A 250 2.62 -3.76 -16.88
CA PRO A 250 1.63 -3.84 -15.81
C PRO A 250 2.22 -4.45 -14.56
N ALA A 251 1.74 -3.99 -13.40
CA ALA A 251 2.26 -4.49 -12.13
C ALA A 251 1.86 -5.94 -11.88
N ILE A 252 0.69 -6.34 -12.34
CA ILE A 252 0.27 -7.74 -12.33
C ILE A 252 0.12 -8.16 -13.80
N ARG A 253 0.00 -9.47 -14.03
CA ARG A 253 -0.09 -9.94 -15.42
C ARG A 253 -1.22 -9.22 -16.15
N GLN A 254 -0.95 -8.85 -17.40
CA GLN A 254 -1.91 -8.06 -18.17
C GLN A 254 -3.31 -8.67 -18.17
N TYR A 255 -3.41 -9.99 -18.36
CA TYR A 255 -4.73 -10.63 -18.39
C TYR A 255 -5.51 -10.33 -17.11
N TYR A 256 -4.84 -10.40 -15.97
CA TYR A 256 -5.48 -10.16 -14.68
C TYR A 256 -5.73 -8.68 -14.45
N ASN A 257 -4.78 -7.82 -14.81
CA ASN A 257 -5.01 -6.39 -14.71
C ASN A 257 -6.28 -5.99 -15.48
N GLU A 258 -6.41 -6.44 -16.73
CA GLU A 258 -7.60 -6.06 -17.50
C GLU A 258 -8.87 -6.55 -16.82
N LYS A 259 -8.85 -7.81 -16.33
CA LYS A 259 -10.04 -8.42 -15.75
C LYS A 259 -10.41 -7.75 -14.44
N LEU A 260 -9.42 -7.46 -13.59
CA LEU A 260 -9.70 -6.82 -12.31
C LEU A 260 -10.18 -5.39 -12.51
N LEU A 261 -9.57 -4.65 -13.44
CA LEU A 261 -10.01 -3.29 -13.69
C LEU A 261 -11.45 -3.24 -14.20
N ASP A 262 -11.87 -4.23 -14.99
CA ASP A 262 -13.25 -4.17 -15.47
C ASP A 262 -14.24 -4.35 -14.32
N ILE A 263 -13.91 -5.22 -13.36
CA ILE A 263 -14.72 -5.33 -12.16
C ILE A 263 -14.76 -4.00 -11.41
N PHE A 264 -13.60 -3.39 -11.20
CA PHE A 264 -13.57 -2.11 -10.49
C PHE A 264 -14.37 -1.02 -11.23
N ARG A 265 -14.34 -1.01 -12.57
CA ARG A 265 -15.07 0.03 -13.28
C ARG A 265 -16.57 -0.18 -13.10
N ARG A 266 -17.01 -1.43 -13.18
CA ARG A 266 -18.43 -1.71 -13.03
C ARG A 266 -18.92 -1.36 -11.63
N TYR A 267 -18.07 -1.47 -10.61
CA TYR A 267 -18.46 -1.17 -9.24
C TYR A 267 -17.85 0.11 -8.71
N SER A 268 -17.48 1.05 -9.58
CA SER A 268 -16.87 2.28 -9.10
C SER A 268 -17.83 3.08 -8.23
N SER A 269 -19.14 2.89 -8.36
CA SER A 269 -20.07 3.62 -7.51
C SER A 269 -20.02 3.14 -6.07
N VAL A 270 -19.61 1.90 -5.83
CA VAL A 270 -19.53 1.32 -4.49
C VAL A 270 -18.14 1.48 -3.88
N ILE A 271 -17.10 1.46 -4.70
CA ILE A 271 -15.72 1.49 -4.22
C ILE A 271 -15.32 2.95 -3.95
N ALA A 272 -15.07 3.27 -2.68
CA ALA A 272 -14.76 4.63 -2.27
C ALA A 272 -13.26 4.86 -2.09
N GLY A 273 -12.46 3.82 -2.23
CA GLY A 273 -11.01 3.94 -2.17
C GLY A 273 -10.34 2.64 -2.55
N GLN A 274 -9.14 2.75 -3.12
CA GLN A 274 -8.25 1.63 -3.38
C GLN A 274 -6.88 1.98 -2.82
N PHE A 275 -6.27 1.02 -2.11
CA PHE A 275 -5.06 1.27 -1.34
C PHE A 275 -4.10 0.11 -1.55
N TYR A 276 -2.91 0.41 -2.07
CA TYR A 276 -1.92 -0.63 -2.41
C TYR A 276 -0.56 -0.28 -1.83
N GLY A 277 0.33 -1.28 -1.85
CA GLY A 277 1.74 -1.09 -1.51
C GLY A 277 2.65 -1.65 -2.58
N HIS A 278 3.63 -2.47 -2.18
CA HIS A 278 4.52 -3.23 -3.08
C HIS A 278 5.57 -2.39 -3.80
N THR A 279 5.21 -1.21 -4.35
CA THR A 279 6.19 -0.45 -5.11
C THR A 279 7.16 0.33 -4.24
N HIS A 280 6.84 0.49 -2.96
CA HIS A 280 7.65 1.25 -2.01
C HIS A 280 7.74 2.73 -2.38
N ARG A 281 6.80 3.23 -3.18
CA ARG A 281 6.78 4.62 -3.61
C ARG A 281 5.42 5.24 -3.32
N ASP A 282 5.39 6.57 -3.33
CA ASP A 282 4.16 7.35 -3.15
C ASP A 282 3.63 7.68 -4.54
N SER A 283 2.58 6.96 -4.96
CA SER A 283 2.01 7.14 -6.29
C SER A 283 0.51 7.29 -6.24
N LEU A 284 -0.01 8.08 -7.18
CA LEU A 284 -1.43 8.21 -7.44
C LEU A 284 -1.79 7.48 -8.72
N MET A 285 -3.02 6.98 -8.77
CA MET A 285 -3.61 6.51 -10.01
C MET A 285 -5.07 6.93 -10.03
N VAL A 286 -5.60 7.17 -11.22
CA VAL A 286 -7.01 7.48 -11.39
C VAL A 286 -7.54 6.53 -12.45
N LEU A 287 -8.35 5.57 -12.03
CA LEU A 287 -9.03 4.69 -12.95
C LEU A 287 -10.12 5.47 -13.67
N SER A 288 -10.09 5.43 -15.00
CA SER A 288 -11.01 6.16 -15.85
C SER A 288 -11.68 5.20 -16.82
N ASP A 289 -12.76 5.65 -17.46
CA ASP A 289 -13.34 4.85 -18.51
C ASP A 289 -12.49 4.99 -19.77
N LYS A 290 -12.91 4.32 -20.85
CA LYS A 290 -12.17 4.38 -22.09
C LYS A 290 -12.13 5.77 -22.68
N ASN A 291 -13.10 6.61 -22.31
CA ASN A 291 -13.20 7.97 -22.85
C ASN A 291 -12.55 9.00 -21.94
N GLY A 292 -11.81 8.58 -20.91
CA GLY A 292 -11.11 9.53 -20.06
C GLY A 292 -11.95 10.15 -18.95
N ASN A 293 -13.10 9.56 -18.65
CA ASN A 293 -13.91 10.04 -17.54
C ASN A 293 -13.43 9.38 -16.25
N PRO A 294 -13.06 10.16 -15.24
CA PRO A 294 -12.55 9.56 -14.00
C PRO A 294 -13.62 8.81 -13.23
N LEU A 295 -13.25 7.62 -12.76
CA LEU A 295 -14.13 6.70 -12.04
C LEU A 295 -13.69 6.39 -10.61
N ASN A 296 -12.40 6.25 -10.34
CA ASN A 296 -12.01 5.69 -9.04
C ASN A 296 -10.58 6.09 -8.73
N SER A 297 -10.36 6.58 -7.50
CA SER A 297 -9.07 7.08 -7.07
C SER A 297 -8.29 5.94 -6.42
N VAL A 298 -6.97 5.90 -6.68
CA VAL A 298 -6.10 4.80 -6.27
C VAL A 298 -4.87 5.39 -5.59
N PHE A 299 -4.49 4.84 -4.43
CA PHE A 299 -3.42 5.39 -3.61
C PHE A 299 -2.40 4.30 -3.30
N VAL A 300 -1.19 4.45 -3.84
CA VAL A 300 -0.07 3.55 -3.56
C VAL A 300 0.80 4.21 -2.50
N ALA A 301 0.98 3.54 -1.38
CA ALA A 301 1.71 4.11 -0.25
C ALA A 301 3.15 3.64 -0.22
N PRO A 302 4.07 4.52 0.16
CA PRO A 302 5.48 4.12 0.26
C PRO A 302 5.74 3.25 1.48
N ALA A 303 6.87 2.55 1.43
CA ALA A 303 7.25 1.54 2.41
C ALA A 303 7.87 2.17 3.66
N VAL A 304 7.86 1.39 4.75
CA VAL A 304 8.70 1.71 5.89
C VAL A 304 10.17 1.39 5.60
N THR A 305 10.44 0.23 4.97
CA THR A 305 11.82 -0.06 4.60
C THR A 305 12.33 0.94 3.57
N PRO A 306 13.59 1.36 3.66
CA PRO A 306 14.23 2.21 2.63
C PRO A 306 15.02 1.44 1.58
N VAL A 307 14.91 0.10 1.56
CA VAL A 307 15.87 -0.72 0.83
C VAL A 307 15.86 -0.41 -0.66
N LYS A 308 17.04 -0.47 -1.26
CA LYS A 308 17.19 -0.44 -2.71
CA LYS A 308 17.19 -0.44 -2.71
C LYS A 308 18.31 -1.39 -3.08
N GLY A 309 18.37 -1.73 -4.35
CA GLY A 309 19.51 -2.47 -4.85
C GLY A 309 20.65 -1.55 -5.18
N VAL A 310 21.84 -2.12 -5.32
CA VAL A 310 23.00 -1.30 -5.64
C VAL A 310 22.79 -0.57 -6.96
N LEU A 311 22.09 -1.20 -7.89
CA LEU A 311 21.92 -0.63 -9.23
C LEU A 311 20.99 0.57 -9.25
N GLN A 312 20.19 0.78 -8.19
CA GLN A 312 19.23 1.88 -8.16
C GLN A 312 19.88 3.16 -7.65
N LYS A 313 19.55 4.27 -8.29
CA LYS A 313 20.07 5.56 -7.85
C LYS A 313 19.32 6.06 -6.63
N GLU A 314 18.00 6.16 -6.73
CA GLU A 314 17.17 6.70 -5.69
C GLU A 314 16.50 5.58 -4.91
N THR A 315 16.04 5.93 -3.71
CA THR A 315 15.14 5.07 -2.96
C THR A 315 14.19 5.97 -2.19
N ASN A 316 13.37 5.38 -1.33
CA ASN A 316 12.45 6.15 -0.52
C ASN A 316 13.00 6.34 0.88
N ASN A 317 12.59 7.43 1.50
CA ASN A 317 12.59 7.53 2.95
C ASN A 317 11.44 6.69 3.49
N PRO A 318 11.59 6.15 4.70
CA PRO A 318 10.47 5.45 5.36
C PRO A 318 9.24 6.35 5.47
N GLY A 319 8.07 5.76 5.27
CA GLY A 319 6.84 6.51 5.31
C GLY A 319 5.73 5.73 5.99
N VAL A 320 4.78 6.47 6.58
CA VAL A 320 3.47 5.97 6.98
C VAL A 320 2.48 7.08 6.67
N ARG A 321 1.21 6.71 6.46
CA ARG A 321 0.25 7.72 6.02
C ARG A 321 -1.11 7.54 6.68
N LEU A 322 -1.87 8.63 6.66
CA LEU A 322 -3.18 8.73 7.30
C LEU A 322 -4.18 9.26 6.28
N PHE A 323 -5.37 8.66 6.22
CA PHE A 323 -6.44 9.18 5.38
C PHE A 323 -7.54 9.77 6.25
N GLN A 324 -8.18 10.81 5.72
CA GLN A 324 -9.36 11.42 6.29
C GLN A 324 -10.56 11.18 5.39
N TYR A 325 -11.71 10.89 6.00
CA TYR A 325 -12.90 10.54 5.21
C TYR A 325 -14.13 11.12 5.88
N LYS A 326 -15.21 11.17 5.12
CA LYS A 326 -16.46 11.73 5.63
C LYS A 326 -17.20 10.67 6.45
N PRO A 327 -17.49 10.93 7.73
CA PRO A 327 -18.09 9.87 8.56
C PRO A 327 -19.43 9.43 8.00
N GLY A 328 -19.70 8.14 8.11
CA GLY A 328 -20.94 7.56 7.65
C GLY A 328 -21.13 7.62 6.15
N ASP A 329 -20.17 8.17 5.45
CA ASP A 329 -20.26 8.37 4.01
C ASP A 329 -19.06 7.78 3.28
N TYR A 330 -17.86 8.00 3.79
CA TYR A 330 -16.62 7.28 3.45
C TYR A 330 -15.97 7.83 2.20
N THR A 331 -16.50 8.91 1.63
CA THR A 331 -15.75 9.69 0.66
C THR A 331 -14.43 10.16 1.25
N LEU A 332 -13.35 10.00 0.50
CA LEU A 332 -12.03 10.40 0.96
C LEU A 332 -11.84 11.90 0.85
N LEU A 333 -11.50 12.53 1.98
CA LEU A 333 -11.32 13.98 2.04
C LEU A 333 -9.88 14.41 1.93
N ASP A 334 -8.94 13.62 2.45
CA ASP A 334 -7.55 14.05 2.46
C ASP A 334 -6.65 12.87 2.77
N MET A 335 -5.37 13.09 2.53
CA MET A 335 -4.31 12.13 2.87
CA MET A 335 -4.33 12.14 2.89
C MET A 335 -3.16 12.92 3.47
N VAL A 336 -2.62 12.43 4.57
CA VAL A 336 -1.48 13.02 5.24
C VAL A 336 -0.35 12.01 5.20
N GLN A 337 0.76 12.36 4.54
CA GLN A 337 1.91 11.49 4.44
C GLN A 337 2.97 11.96 5.44
N TYR A 338 3.39 11.05 6.32
CA TYR A 338 4.48 11.28 7.27
C TYR A 338 5.71 10.51 6.80
N TYR A 339 6.88 10.91 7.29
CA TYR A 339 8.10 10.23 6.86
C TYR A 339 9.17 10.39 7.92
N LEU A 340 10.19 9.55 7.79
CA LEU A 340 11.42 9.66 8.57
C LEU A 340 12.54 10.07 7.61
N ASN A 341 13.20 11.17 7.92
CA ASN A 341 14.45 11.47 7.23
C ASN A 341 15.51 10.54 7.79
N LEU A 342 15.83 9.48 7.03
CA LEU A 342 16.66 8.42 7.57
C LEU A 342 18.08 8.90 7.84
N THR A 343 18.65 9.70 6.91
CA THR A 343 20.00 10.19 7.15
CA THR A 343 20.00 10.19 7.15
C THR A 343 20.06 11.08 8.39
N GLU A 344 19.08 11.96 8.57
CA GLU A 344 19.04 12.82 9.75
C GLU A 344 18.92 11.99 11.02
N ALA A 345 18.01 11.01 11.01
CA ALA A 345 17.79 10.16 12.18
C ALA A 345 19.03 9.36 12.55
N ASN A 346 19.73 8.81 11.54
CA ASN A 346 20.91 8.02 11.82
C ASN A 346 22.05 8.86 12.35
N LEU A 347 22.14 10.13 11.91
CA LEU A 347 23.26 10.98 12.30
C LEU A 347 23.22 11.25 13.80
N LYS A 348 22.05 11.62 14.32
CA LYS A 348 21.91 11.94 15.73
C LYS A 348 21.44 10.76 16.56
N GLY A 349 20.90 9.71 15.93
CA GLY A 349 20.54 8.51 16.68
C GLY A 349 19.18 8.60 17.31
N GLU A 350 18.34 9.52 16.87
CA GLU A 350 16.99 9.68 17.36
C GLU A 350 16.07 9.91 16.17
N SER A 351 14.90 9.27 16.20
CA SER A 351 13.93 9.46 15.13
CA SER A 351 13.95 9.46 15.12
C SER A 351 13.17 10.76 15.33
N ASN A 352 12.73 11.33 14.21
CA ASN A 352 11.85 12.47 14.22
C ASN A 352 10.87 12.28 13.05
N TRP A 353 9.98 11.29 13.17
CA TRP A 353 8.91 11.13 12.20
C TRP A 353 8.13 12.43 12.13
N THR A 354 7.85 12.89 10.92
CA THR A 354 7.29 14.22 10.77
C THR A 354 6.42 14.27 9.52
N LEU A 355 5.62 15.32 9.45
CA LEU A 355 4.75 15.55 8.30
C LEU A 355 5.56 15.79 7.05
N GLU A 356 5.24 15.05 5.99
CA GLU A 356 5.80 15.38 4.68
C GLU A 356 4.87 16.35 3.96
N TYR A 357 3.61 15.95 3.80
CA TYR A 357 2.65 16.85 3.18
C TYR A 357 1.24 16.38 3.46
N VAL A 358 0.31 17.33 3.30
CA VAL A 358 -1.12 17.09 3.27
C VAL A 358 -1.56 17.25 1.83
N LEU A 359 -2.24 16.23 1.28
CA LEU A 359 -2.45 16.21 -0.17
C LEU A 359 -3.23 17.44 -0.64
N THR A 360 -4.32 17.79 0.03
CA THR A 360 -5.10 18.94 -0.45
C THR A 360 -4.29 20.22 -0.43
N GLN A 361 -3.42 20.37 0.57
CA GLN A 361 -2.62 21.59 0.69
C GLN A 361 -1.46 21.59 -0.29
N ALA A 362 -0.81 20.44 -0.48
CA ALA A 362 0.31 20.38 -1.41
C ALA A 362 -0.13 20.69 -2.83
N TYR A 363 -1.31 20.21 -3.21
CA TYR A 363 -1.73 20.26 -4.61
C TYR A 363 -2.90 21.20 -4.87
N SER A 364 -3.44 21.86 -3.84
CA SER A 364 -4.57 22.78 -3.99
C SER A 364 -5.76 22.09 -4.66
N VAL A 365 -6.16 20.94 -4.10
CA VAL A 365 -7.36 20.26 -4.54
C VAL A 365 -8.33 20.22 -3.36
N ALA A 366 -9.62 20.07 -3.70
CA ALA A 366 -10.67 20.14 -2.69
C ALA A 366 -10.78 18.88 -1.86
N ASP A 367 -10.51 17.73 -2.44
CA ASP A 367 -10.70 16.43 -1.81
C ASP A 367 -10.04 15.39 -2.70
N LEU A 368 -10.31 14.12 -2.42
CA LEU A 368 -9.66 13.01 -3.10
C LEU A 368 -10.60 12.30 -4.07
N GLN A 369 -11.69 12.95 -4.45
CA GLN A 369 -12.60 12.33 -5.38
C GLN A 369 -11.95 12.20 -6.76
N PRO A 370 -12.38 11.23 -7.56
CA PRO A 370 -11.74 11.02 -8.87
C PRO A 370 -11.66 12.27 -9.73
N LYS A 371 -12.73 13.07 -9.79
CA LYS A 371 -12.69 14.26 -10.62
C LYS A 371 -11.66 15.27 -10.10
N SER A 372 -11.53 15.38 -8.78
CA SER A 372 -10.57 16.32 -8.21
C SER A 372 -9.14 15.90 -8.54
N LEU A 373 -8.84 14.60 -8.41
CA LEU A 373 -7.51 14.14 -8.72
C LEU A 373 -7.25 14.14 -10.22
N TYR A 374 -8.28 13.84 -11.02
CA TYR A 374 -8.11 13.88 -12.47
C TYR A 374 -7.68 15.27 -12.92
N ALA A 375 -8.34 16.32 -12.41
CA ALA A 375 -7.95 17.67 -12.78
C ALA A 375 -6.53 17.97 -12.31
N LEU A 376 -6.13 17.44 -11.16
CA LEU A 376 -4.75 17.64 -10.70
C LEU A 376 -3.75 17.01 -11.66
N VAL A 377 -3.97 15.74 -12.02
CA VAL A 377 -2.98 15.07 -12.84
C VAL A 377 -2.96 15.63 -14.25
N GLN A 378 -4.07 16.21 -14.72
CA GLN A 378 -4.03 16.96 -15.98
C GLN A 378 -3.06 18.13 -15.90
N GLN A 379 -2.95 18.77 -14.72
CA GLN A 379 -1.96 19.83 -14.55
C GLN A 379 -0.54 19.26 -14.65
N PHE A 380 -0.32 18.07 -14.09
CA PHE A 380 1.01 17.44 -14.17
C PHE A 380 1.52 17.42 -15.60
N ALA A 381 0.61 17.17 -16.54
CA ALA A 381 1.00 16.99 -17.93
C ALA A 381 1.52 18.27 -18.57
N THR A 382 1.26 19.43 -17.98
CA THR A 382 1.70 20.67 -18.60
C THR A 382 3.21 20.80 -18.50
N LYS A 383 3.78 21.49 -19.48
CA LYS A 383 5.23 21.64 -19.57
C LYS A 383 5.78 22.32 -18.31
N ASP A 384 6.82 21.72 -17.75
CA ASP A 384 7.51 22.25 -16.56
C ASP A 384 6.56 22.43 -15.37
N SER A 385 5.48 21.66 -15.34
CA SER A 385 4.54 21.70 -14.23
C SER A 385 5.25 21.66 -12.88
N LYS A 386 5.02 22.68 -12.06
CA LYS A 386 5.54 22.66 -10.70
C LYS A 386 4.80 21.66 -9.83
N GLN A 387 3.53 21.40 -10.14
CA GLN A 387 2.81 20.35 -9.44
C GLN A 387 3.49 19.00 -9.62
N PHE A 388 3.87 18.67 -10.87
CA PHE A 388 4.52 17.38 -11.12
C PHE A 388 5.90 17.32 -10.48
N LEU A 389 6.67 18.42 -10.51
CA LEU A 389 7.96 18.39 -9.85
C LEU A 389 7.82 18.06 -8.38
N LYS A 390 6.80 18.62 -7.73
CA LYS A 390 6.53 18.31 -6.34
C LYS A 390 6.17 16.83 -6.18
N TYR A 391 5.28 16.36 -7.06
CA TYR A 391 4.88 14.95 -7.05
C TYR A 391 6.07 14.02 -7.18
N TYR A 392 7.01 14.34 -8.09
CA TYR A 392 8.18 13.46 -8.29
C TYR A 392 9.09 13.48 -7.06
N HIS A 393 9.19 14.64 -6.39
CA HIS A 393 9.91 14.73 -5.12
C HIS A 393 9.29 13.81 -4.07
N TYR A 394 7.96 13.81 -3.97
CA TYR A 394 7.23 13.01 -2.99
C TYR A 394 7.19 11.53 -3.37
N TYR A 395 7.39 11.21 -4.65
CA TYR A 395 7.40 9.82 -5.13
C TYR A 395 8.43 9.00 -4.36
N PHE A 396 9.59 9.57 -4.08
CA PHE A 396 10.63 8.95 -3.27
C PHE A 396 10.56 9.38 -1.81
N VAL A 397 9.44 9.98 -1.38
CA VAL A 397 9.26 10.43 -0.01
C VAL A 397 10.38 11.42 0.36
N SER A 398 10.64 12.36 -0.54
CA SER A 398 11.58 13.45 -0.30
C SER A 398 13.01 12.97 -0.09
N TYR A 399 13.35 11.80 -0.63
CA TYR A 399 14.71 11.28 -0.49
C TYR A 399 15.74 12.22 -1.09
N ASP A 400 15.43 12.82 -2.24
CA ASP A 400 16.44 13.60 -2.97
C ASP A 400 15.73 14.71 -3.74
N SER A 401 15.82 15.94 -3.24
CA SER A 401 15.23 17.08 -3.93
C SER A 401 15.94 17.38 -5.26
N SER A 402 17.13 16.86 -5.48
CA SER A 402 17.83 17.11 -6.72
C SER A 402 17.53 16.06 -7.78
N ALA A 403 16.83 14.98 -7.43
CA ALA A 403 16.48 13.98 -8.44
C ALA A 403 15.58 14.62 -9.49
N THR A 404 15.84 14.28 -10.75
CA THR A 404 15.13 14.88 -11.87
C THR A 404 14.46 13.79 -12.70
N CYS A 405 13.40 14.18 -13.39
CA CYS A 405 12.61 13.27 -14.22
C CYS A 405 12.55 13.89 -15.61
N ASP A 406 13.30 13.32 -16.55
CA ASP A 406 13.39 13.91 -17.88
C ASP A 406 12.12 13.61 -18.67
N GLN A 407 12.12 13.96 -19.96
CA GLN A 407 10.88 13.89 -20.73
C GLN A 407 10.36 12.46 -20.80
N HIS A 408 11.24 11.50 -21.06
CA HIS A 408 10.80 10.11 -21.12
C HIS A 408 10.31 9.63 -19.75
N CYS A 409 11.05 9.97 -18.69
CA CYS A 409 10.62 9.61 -17.33
C CYS A 409 9.23 10.18 -17.03
N LYS A 410 8.99 11.43 -17.41
CA LYS A 410 7.72 12.06 -17.08
C LYS A 410 6.57 11.47 -17.88
N THR A 411 6.80 11.16 -19.16
CA THR A 411 5.77 10.48 -19.95
C THR A 411 5.38 9.16 -19.29
N LEU A 412 6.37 8.39 -18.83
CA LEU A 412 6.05 7.12 -18.19
C LEU A 412 5.26 7.34 -16.91
N GLN A 413 5.63 8.34 -16.10
CA GLN A 413 4.90 8.61 -14.87
C GLN A 413 3.47 9.04 -15.16
N VAL A 414 3.30 10.09 -15.96
CA VAL A 414 1.96 10.64 -16.18
C VAL A 414 1.07 9.62 -16.89
N CYS A 415 1.62 8.87 -17.85
CA CYS A 415 0.78 7.87 -18.52
C CYS A 415 0.29 6.81 -17.54
N ALA A 416 1.16 6.39 -16.61
CA ALA A 416 0.77 5.38 -15.63
C ALA A 416 -0.20 5.93 -14.60
N ILE A 417 -0.09 7.21 -14.25
CA ILE A 417 -1.03 7.80 -13.31
C ILE A 417 -2.44 7.74 -13.86
N MET A 418 -2.59 8.06 -15.15
CA MET A 418 -3.90 8.30 -15.74
C MET A 418 -4.49 7.14 -16.50
N ASN A 419 -3.70 6.13 -16.88
CA ASN A 419 -4.16 5.09 -17.79
C ASN A 419 -3.83 3.72 -17.21
N LEU A 420 -4.84 3.07 -16.61
CA LEU A 420 -4.56 1.84 -15.90
C LEU A 420 -4.68 0.60 -16.77
N ASP A 421 -5.42 0.68 -17.87
CA ASP A 421 -5.64 -0.43 -18.78
C ASP A 421 -4.73 -0.29 -20.01
N SER A 422 -4.52 -1.41 -20.70
CA SER A 422 -3.52 -1.45 -21.75
CA SER A 422 -3.52 -1.45 -21.76
C SER A 422 -3.90 -0.54 -22.92
N MET A 423 -5.17 -0.54 -23.33
CA MET A 423 -5.56 0.29 -24.47
C MET A 423 -5.29 1.76 -24.21
N SER A 424 -5.70 2.27 -23.04
CA SER A 424 -5.49 3.69 -22.78
CA SER A 424 -5.49 3.69 -22.75
C SER A 424 -4.02 4.00 -22.51
N TYR A 425 -3.30 3.07 -21.87
CA TYR A 425 -1.89 3.31 -21.59
C TYR A 425 -1.09 3.37 -22.88
N ASP A 426 -1.32 2.43 -23.80
CA ASP A 426 -0.58 2.43 -25.04
C ASP A 426 -0.95 3.65 -25.89
N ASP A 427 -2.21 4.07 -25.85
CA ASP A 427 -2.58 5.31 -26.54
CA ASP A 427 -2.58 5.31 -26.54
C ASP A 427 -1.84 6.51 -25.95
N CYS A 428 -1.65 6.51 -24.62
CA CYS A 428 -0.89 7.59 -23.98
C CYS A 428 0.55 7.62 -24.49
N LEU A 429 1.19 6.45 -24.60
CA LEU A 429 2.52 6.41 -25.18
C LEU A 429 2.51 6.93 -26.61
N LYS A 430 1.54 6.51 -27.39
CA LYS A 430 1.46 6.96 -28.79
C LYS A 430 1.42 8.48 -28.85
N GLN A 431 0.59 9.10 -28.02
CA GLN A 431 0.44 10.55 -28.05
C GLN A 431 1.66 11.28 -27.50
N HIS A 432 2.36 10.72 -26.51
CA HIS A 432 3.27 11.53 -25.71
C HIS A 432 4.72 11.07 -25.70
N LEU A 433 5.06 9.92 -26.24
CA LEU A 433 6.47 9.57 -26.36
C LEU A 433 7.18 10.59 -27.25
C1 NAG B . 33.30 -3.64 0.92
C2 NAG B . 33.79 -4.24 -0.38
C3 NAG B . 35.22 -4.77 -0.22
C4 NAG B . 36.12 -3.71 0.39
C5 NAG B . 35.50 -3.11 1.64
C6 NAG B . 36.25 -1.92 2.15
C7 NAG B . 32.00 -5.16 -1.78
C8 NAG B . 31.18 -6.37 -2.11
N2 NAG B . 32.91 -5.31 -0.83
O3 NAG B . 35.73 -5.16 -1.49
O4 NAG B . 37.35 -4.31 0.74
O5 NAG B . 34.17 -2.64 1.34
O6 NAG B . 36.55 -1.04 1.08
O7 NAG B . 31.84 -4.09 -2.35
H1 NAG B . 33.24 -4.33 1.61
H2 NAG B . 33.81 -3.55 -1.06
H3 NAG B . 35.20 -5.54 0.37
H4 NAG B . 36.28 -3.00 -0.27
H5 NAG B . 35.45 -3.78 2.34
H61 NAG B . 35.70 -1.45 2.81
H62 NAG B . 37.08 -2.21 2.57
H81 NAG B . 30.54 -6.15 -2.82
H82 NAG B . 30.69 -6.65 -1.32
H83 NAG B . 31.77 -7.09 -2.41
HN2 NAG B . 33.00 -6.13 -0.43
HO3 NAG B . 35.46 -5.98 -1.68
C1 NAG B . 38.50 -3.55 0.34
C2 NAG B . 39.63 -4.49 0.70
C3 NAG B . 40.98 -3.84 0.44
C4 NAG B . 40.83 -2.59 -0.43
C5 NAG B . 39.78 -2.74 -1.52
C6 NAG B . 40.22 -3.66 -2.64
C7 NAG B . 39.51 -4.03 3.11
C8 NAG B . 39.35 -4.63 4.48
N2 NAG B . 39.51 -4.90 2.09
O3 NAG B . 41.82 -4.78 -0.23
O4 NAG B . 40.53 -1.47 0.39
O5 NAG B . 38.54 -3.28 -1.02
O6 NAG B . 39.24 -3.70 -3.67
O7 NAG B . 39.62 -2.82 2.94
H1 NAG B . 38.57 -2.73 0.86
H2 NAG B . 39.55 -5.29 0.13
H3 NAG B . 41.39 -3.59 1.29
H4 NAG B . 41.69 -2.43 -0.86
H5 NAG B . 39.60 -1.86 -1.91
H61 NAG B . 40.35 -4.56 -2.29
H62 NAG B . 41.06 -3.33 -3.01
H81 NAG B . 38.50 -5.11 4.53
H82 NAG B . 39.36 -3.91 5.14
H83 NAG B . 40.09 -5.23 4.65
HN2 NAG B . 39.41 -5.79 2.28
HO3 NAG B . 42.67 -4.63 0.00
HO4 NAG B . 39.68 -1.26 0.31
HO6 NAG B . 38.82 -2.92 -3.73
C1 FUC B . 37.03 0.22 1.62
C2 FUC B . 37.44 1.18 0.42
C3 FUC B . 36.40 2.22 0.03
C4 FUC B . 35.96 2.98 1.27
C5 FUC B . 35.30 2.01 2.27
C6 FUC B . 35.10 2.66 3.66
O2 FUC B . 37.93 0.46 -0.72
O3 FUC B . 37.01 3.15 -0.87
O4 FUC B . 37.06 3.66 1.86
O5 FUC B . 36.04 0.77 2.53
H1 FUC B . 37.90 0.02 2.26
H2 FUC B . 38.31 1.74 0.78
H3 FUC B . 35.53 1.72 -0.44
H4 FUC B . 35.18 3.70 0.96
H5 FUC B . 34.32 1.74 1.85
H61 FUC B . 34.64 1.93 4.34
H62 FUC B . 34.45 3.53 3.57
H63 FUC B . 36.06 2.98 4.08
HO2 FUC B . 37.89 1.08 -1.46
HO3 FUC B . 36.29 3.48 -1.44
HO4 FUC B . 37.47 3.02 2.46
C1 NAG C . 10.36 -9.04 17.19
C2 NAG C . 10.21 -9.31 18.71
C3 NAG C . 11.18 -8.45 19.52
C4 NAG C . 12.58 -8.49 18.94
C5 NAG C . 12.51 -8.14 17.47
C6 NAG C . 13.85 -8.18 16.77
C7 NAG C . 7.90 -9.97 19.22
C8 NAG C . 6.56 -9.50 19.66
N2 NAG C . 8.84 -9.03 19.12
O3 NAG C . 11.19 -8.92 20.86
O4 NAG C . 13.39 -7.58 19.68
O5 NAG C . 11.70 -9.13 16.82
O6 NAG C . 14.52 -9.38 17.15
O7 NAG C . 8.12 -11.14 18.94
H1 NAG C . 10.03 -8.14 16.99
H2 NAG C . 10.41 -10.24 18.87
H3 NAG C . 10.86 -7.52 19.51
H4 NAG C . 12.93 -9.39 19.05
H5 NAG C . 12.12 -7.26 17.35
H61 NAG C . 13.71 -8.18 15.81
H62 NAG C . 14.38 -7.41 17.04
H81 NAG C . 5.94 -10.26 19.70
H82 NAG C . 6.63 -9.09 20.54
H83 NAG C . 6.22 -8.84 19.03
HN2 NAG C . 8.62 -8.18 19.33
HO3 NAG C . 11.45 -9.77 20.87
C1 NAG C . 14.50 -8.31 20.28
C2 NAG C . 15.38 -7.32 20.97
C3 NAG C . 16.68 -8.02 21.29
C4 NAG C . 16.38 -9.14 22.29
C5 NAG C . 15.18 -10.03 21.89
C6 NAG C . 14.57 -10.70 23.10
C7 NAG C . 16.12 -6.06 18.99
C8 NAG C . 16.24 -4.70 18.37
N2 NAG C . 15.59 -6.10 20.21
O3 NAG C . 17.64 -7.11 21.82
O4 NAG C . 17.53 -9.98 22.41
O5 NAG C . 14.10 -9.33 21.24
O6 NAG C . 13.96 -11.94 22.78
O7 NAG C . 16.50 -7.08 18.40
H1 NAG C . 15.02 -8.74 19.56
H2 NAG C . 14.96 -7.08 21.82
H3 NAG C . 17.04 -8.41 20.48
H4 NAG C . 16.20 -8.74 23.16
H5 NAG C . 15.50 -10.73 21.29
H61 NAG C . 13.89 -10.10 23.48
H62 NAG C . 15.27 -10.85 23.77
H81 NAG C . 16.81 -4.14 18.93
H82 NAG C . 15.35 -4.30 18.30
H83 NAG C . 16.64 -4.78 17.48
HN2 NAG C . 15.33 -5.32 20.59
HO3 NAG C . 18.36 -7.09 21.27
HO4 NAG C . 17.80 -10.00 23.26
HO6 NAG C . 13.44 -11.83 22.06
C1 FUC C . 14.59 -10.31 16.04
C2 FUC C . 15.19 -11.66 16.65
C3 FUC C . 14.16 -12.71 17.02
C4 FUC C . 13.28 -13.00 15.81
C5 FUC C . 12.51 -11.74 15.37
C6 FUC C . 11.84 -11.95 13.99
O2 FUC C . 16.10 -11.41 17.73
O3 FUC C . 14.84 -13.94 17.38
O4 FUC C . 14.05 -13.53 14.73
O5 FUC C . 13.33 -10.49 15.30
H1 FUC C . 15.28 -9.91 15.29
H2 FUC C . 15.81 -12.10 15.85
H3 FUC C . 13.53 -12.34 17.85
H4 FUC C . 12.52 -13.74 16.12
H5 FUC C . 11.74 -11.58 16.13
H61 FUC C . 11.31 -11.03 13.69
H62 FUC C . 11.13 -12.78 14.06
H63 FUC C . 12.58 -12.19 13.24
HO2 FUC C . 16.15 -12.24 18.23
HO3 FUC C . 14.17 -14.47 17.86
HO4 FUC C . 14.92 -13.72 15.11
C1 NAG D . 17.24 14.97 5.44
C2 NAG D . 16.95 16.16 4.56
C3 NAG D . 18.17 16.45 3.69
C4 NAG D . 19.44 16.55 4.51
C5 NAG D . 19.56 15.38 5.50
C6 NAG D . 20.69 15.53 6.49
C7 NAG D . 14.77 16.81 3.61
C8 NAG D . 13.63 16.39 2.74
N2 NAG D . 15.77 15.93 3.74
O3 NAG D . 17.94 17.68 2.99
O4 NAG D . 20.56 16.48 3.65
O5 NAG D . 18.36 15.27 6.28
O6 NAG D . 20.60 16.79 7.16
O7 NAG D . 14.79 17.90 4.18
H1 NAG D . 17.44 14.19 4.89
H2 NAG D . 16.79 16.94 5.13
H3 NAG D . 18.27 15.74 3.04
H4 NAG D . 19.46 17.39 5.00
H5 NAG D . 19.70 14.56 5.00
H61 NAG D . 20.64 14.81 7.15
H62 NAG D . 21.54 15.48 6.02
H81 NAG D . 13.97 16.22 1.83
H82 NAG D . 12.96 17.10 2.71
H83 NAG D . 13.23 15.58 3.10
HN2 NAG D . 15.70 15.14 3.31
HO3 NAG D . 18.14 17.58 2.13
HO6 NAG D . 20.61 16.66 8.03
C1 NAG D . 21.46 17.58 3.80
C2 NAG D . 22.82 17.19 3.20
C3 NAG D . 23.76 18.38 3.19
C4 NAG D . 23.12 19.58 2.50
C5 NAG D . 21.79 19.88 3.19
C6 NAG D . 21.03 21.01 2.53
C7 NAG D . 23.48 14.83 3.49
C8 NAG D . 24.15 13.85 4.40
N2 NAG D . 23.42 16.09 3.94
O3 NAG D . 24.97 18.02 2.53
O4 NAG D . 23.98 20.71 2.59
O5 NAG D . 20.95 18.73 3.12
O6 NAG D . 20.39 20.58 1.34
O7 NAG D . 22.99 14.50 2.41
H1 NAG D . 21.57 17.78 4.75
H2 NAG D . 22.68 16.90 2.28
H3 NAG D . 23.98 18.63 4.12
H4 NAG D . 22.96 19.37 1.56
H5 NAG D . 21.96 20.12 4.12
H61 NAG D . 21.66 21.73 2.31
H62 NAG D . 20.37 21.36 3.16
H81 NAG D . 25.08 14.12 4.55
H82 NAG D . 23.68 13.81 5.25
H83 NAG D . 24.14 12.96 3.99
HN2 NAG D . 23.79 16.27 4.76
HO3 NAG D . 25.50 18.73 2.45
HO6 NAG D . 20.99 20.37 0.73
C1 BMA D . 24.35 21.21 1.29
C2 BMA D . 25.09 22.52 1.55
C3 BMA D . 25.60 23.12 0.23
C4 BMA D . 26.26 22.08 -0.71
C5 BMA D . 25.53 20.72 -0.75
C6 BMA D . 26.44 19.65 -1.34
O2 BMA D . 26.23 22.27 2.38
O3 BMA D . 26.56 24.15 0.48
O4 BMA D . 26.30 22.60 -2.02
O5 BMA D . 25.18 20.29 0.58
O6 BMA D . 25.66 18.60 -1.92
H1 BMA D . 23.43 21.40 0.71
H2 BMA D . 24.40 23.22 2.04
H3 BMA D . 24.77 23.59 -0.31
H4 BMA D . 27.27 21.89 -0.34
H5 BMA D . 24.63 20.79 -1.38
H61 BMA D . 27.10 19.28 -0.54
H62 BMA D . 27.07 20.14 -2.09
HO2 BMA D . 26.03 21.47 2.88
HO4 BMA D . 27.22 22.50 -2.33
C1 MAN D . 25.98 25.48 0.61
C2 MAN D . 26.86 26.25 1.65
C3 MAN D . 26.12 26.42 3.00
C4 MAN D . 24.69 27.00 2.86
C5 MAN D . 24.03 26.64 1.51
C6 MAN D . 24.13 27.76 0.46
O2 MAN D . 27.20 27.57 1.20
O3 MAN D . 26.88 27.23 3.90
O4 MAN D . 23.88 26.48 3.91
O5 MAN D . 24.62 25.43 0.98
O6 MAN D . 23.18 28.77 0.80
H1 MAN D . 25.99 26.00 -0.36
H2 MAN D . 27.78 25.66 1.82
H3 MAN D . 26.04 25.43 3.48
H4 MAN D . 24.76 28.09 2.93
H5 MAN D . 22.96 26.47 1.70
H61 MAN D . 23.92 27.32 -0.53
H62 MAN D . 25.16 28.13 0.47
HO2 MAN D . 27.36 28.14 1.96
HO3 MAN D . 26.24 27.53 4.57
HO4 MAN D . 22.98 26.76 3.70
HO6 MAN D . 23.43 29.58 0.32
C1 MAN D . 26.26 17.32 -1.61
C2 MAN D . 25.62 16.86 -0.24
C3 MAN D . 26.62 16.20 0.69
C4 MAN D . 27.69 15.50 -0.11
C5 MAN D . 28.53 16.59 -0.77
C6 MAN D . 29.69 16.03 -1.58
O2 MAN D . 24.59 15.87 -0.46
O3 MAN D . 26.00 15.27 1.60
O4 MAN D . 28.51 14.71 0.75
O5 MAN D . 27.71 17.40 -1.67
O6 MAN D . 30.80 16.93 -1.47
H1 MAN D . 25.99 16.59 -2.40
H2 MAN D . 25.20 17.75 0.25
H3 MAN D . 27.09 16.96 1.31
H4 MAN D . 27.22 14.90 -0.90
H5 MAN D . 28.96 17.22 0.02
H61 MAN D . 29.37 15.92 -2.63
H62 MAN D . 29.94 15.03 -1.19
HO2 MAN D . 25.00 15.06 -0.77
HO3 MAN D . 25.85 14.47 1.07
HO4 MAN D . 27.95 13.97 1.02
HO6 MAN D . 31.22 16.98 -2.34
C1 NAG E . -26.44 -9.05 -8.00
C2 NAG E . -26.51 -10.11 -9.11
C3 NAG E . -27.93 -10.28 -9.68
C4 NAG E . -29.00 -10.23 -8.59
C5 NAG E . -28.75 -9.03 -7.73
C6 NAG E . -29.77 -8.85 -6.64
C7 NAG E . -24.45 -10.35 -10.44
C8 NAG E . -23.64 -9.77 -11.57
N2 NAG E . -25.60 -9.72 -10.18
O3 NAG E . -28.02 -11.51 -10.38
O4 NAG E . -30.30 -10.17 -9.17
O5 NAG E . -27.48 -9.22 -7.09
O6 NAG E . -30.17 -10.11 -6.15
O7 NAG E . -24.08 -11.33 -9.81
H1 NAG E . -26.50 -8.16 -8.38
H2 NAG E . -26.23 -10.97 -8.75
H3 NAG E . -28.11 -9.54 -10.31
H4 NAG E . -28.93 -11.05 -8.06
H5 NAG E . -28.72 -8.23 -8.28
H61 NAG E . -30.55 -8.37 -6.99
H62 NAG E . -29.38 -8.32 -5.91
H81 NAG E . -24.17 -9.80 -12.39
H82 NAG E . -22.82 -10.30 -11.68
H83 NAG E . -23.41 -8.84 -11.36
HN2 NAG E . -25.82 -8.99 -10.68
HO3 NAG E . -28.13 -12.17 -9.79
HO4 NAG E . -30.74 -10.93 -9.01
C1 FUC E . -30.28 -10.06 -4.70
C2 FUC E . -30.59 -11.51 -4.19
C3 FUC E . -29.34 -12.23 -3.67
C4 FUC E . -28.73 -11.47 -2.48
C5 FUC E . -28.85 -9.94 -2.67
C6 FUC E . -29.94 -9.29 -1.76
O2 FUC E . -31.31 -12.28 -5.12
O3 FUC E . -29.77 -13.52 -3.19
O4 FUC E . -29.36 -11.86 -1.27
O5 FUC E . -29.08 -9.57 -4.08
H1 FUC E . -31.07 -9.37 -4.41
H2 FUC E . -31.25 -11.39 -3.33
H3 FUC E . -28.61 -12.34 -4.48
H4 FUC E . -27.65 -11.70 -2.45
H5 FUC E . -27.87 -9.53 -2.39
H61 FUC E . -30.00 -8.22 -1.94
H62 FUC E . -29.70 -9.47 -0.71
H63 FUC E . -30.92 -9.73 -1.97
HO2 FUC E . -32.25 -12.15 -4.91
HO3 FUC E . -29.05 -13.84 -2.61
HO4 FUC E . -28.76 -11.57 -0.58
ZN ZN F . 7.82 -4.75 -0.40
ZN ZN G . 5.98 -6.66 -2.71
P AMP H . 9.28 -6.65 -3.55
O1P AMP H . 10.41 -7.62 -3.80
O2P AMP H . 9.59 -5.68 -2.43
O3P AMP H . 7.90 -7.27 -3.51
O5' AMP H . 9.31 -5.80 -4.91
C5' AMP H . 10.55 -5.35 -5.43
C4' AMP H . 10.90 -5.97 -6.76
O4' AMP H . 10.67 -4.98 -7.79
C3' AMP H . 12.36 -6.37 -6.91
O3' AMP H . 12.48 -7.36 -7.93
C2' AMP H . 13.00 -5.06 -7.36
O2' AMP H . 14.25 -5.21 -8.01
C1' AMP H . 11.92 -4.48 -8.28
N9 AMP H . 11.84 -3.02 -8.26
C8 AMP H . 10.97 -2.32 -7.51
N7 AMP H . 11.09 -0.98 -7.68
C5 AMP H . 12.07 -0.81 -8.58
C6 AMP H . 12.69 0.38 -9.21
N6 AMP H . 12.25 1.61 -8.85
N1 AMP H . 13.68 0.17 -10.10
C2 AMP H . 14.10 -1.07 -10.42
N3 AMP H . 13.57 -2.19 -9.88
C4 AMP H . 12.56 -2.13 -8.97
H5'1 AMP H . 11.34 -5.59 -4.71
H5'2 AMP H . 10.53 -4.26 -5.53
H4' AMP H . 10.26 -6.85 -6.93
H3' AMP H . 12.76 -6.70 -5.95
HO3' AMP H . 13.41 -7.61 -8.02
H2' AMP H . 13.11 -4.41 -6.48
HO2' AMP H . 14.87 -5.62 -7.41
H1' AMP H . 12.09 -4.84 -9.30
H8 AMP H . 10.26 -2.77 -6.84
HN61 AMP H . 12.66 2.43 -9.27
HN62 AMP H . 11.50 1.70 -8.19
H2 AMP H . 14.89 -1.18 -11.15
C1 GOL I . 17.60 -5.28 -2.15
O1 GOL I . 18.84 -5.85 -2.48
C2 GOL I . 16.60 -5.59 -3.26
O2 GOL I . 16.28 -6.96 -3.23
C3 GOL I . 15.36 -4.73 -3.05
O3 GOL I . 14.34 -5.14 -3.95
H11 GOL I . 17.25 -5.68 -1.21
H12 GOL I . 17.72 -4.20 -2.05
HO1 GOL I . 19.50 -5.60 -1.81
H2 GOL I . 17.05 -5.32 -4.22
HO2 GOL I . 15.87 -7.19 -2.37
H31 GOL I . 15.00 -4.84 -2.02
H32 GOL I . 15.59 -3.68 -3.23
HO3 GOL I . 13.53 -4.61 -3.79
C1 GOL J . 11.68 -2.43 -3.84
O1 GOL J . 11.94 -3.73 -3.38
C2 GOL J . 12.97 -1.62 -3.84
O2 GOL J . 13.69 -1.87 -5.03
C3 GOL J . 12.62 -0.15 -3.73
O3 GOL J . 13.80 0.62 -3.66
H11 GOL J . 11.28 -2.47 -4.85
H12 GOL J . 10.95 -1.95 -3.21
HO1 GOL J . 11.10 -4.23 -3.32
H2 GOL J . 13.57 -1.92 -2.97
HO2 GOL J . 13.14 -1.60 -5.80
H31 GOL J . 12.04 0.15 -4.60
H32 GOL J . 12.02 0.01 -2.84
HO3 GOL J . 13.63 1.44 -3.16
C1 GOL K . -5.60 5.27 17.68
O1 GOL K . -6.56 6.31 17.80
C2 GOL K . -4.19 5.83 17.87
O2 GOL K . -3.40 4.96 18.67
C3 GOL K . -3.52 6.03 16.52
O3 GOL K . -4.21 7.00 15.78
H11 GOL K . -5.79 4.50 18.43
H12 GOL K . -5.67 4.81 16.70
HO1 GOL K . -7.45 5.95 17.60
H2 GOL K . -4.27 6.81 18.37
HO2 GOL K . -3.31 4.11 18.21
H31 GOL K . -2.48 6.34 16.67
H32 GOL K . -3.52 5.09 15.98
C1 GOL L . -5.26 -17.75 -18.64
O1 GOL L . -5.61 -17.95 -19.99
C2 GOL L . -3.96 -16.95 -18.58
O2 GOL L . -3.96 -15.98 -19.59
C3 GOL L . -3.82 -16.28 -17.22
O3 GOL L . -2.70 -15.42 -17.22
H11 GOL L . -6.06 -17.20 -18.14
H12 GOL L . -5.14 -18.70 -18.14
HO1 GOL L . -6.42 -18.52 -20.04
H2 GOL L . -3.12 -17.64 -18.72
HO2 GOL L . -4.70 -15.35 -19.46
H31 GOL L . -4.72 -15.71 -17.00
H32 GOL L . -3.70 -17.04 -16.45
HO3 GOL L . -2.83 -14.71 -16.57
C1 GOL M . -4.99 17.76 9.45
O1 GOL M . -4.35 17.99 8.21
C2 GOL M . -4.12 16.91 10.38
O2 GOL M . -4.65 15.60 10.48
C3 GOL M . -2.68 16.85 9.88
O3 GOL M . -2.09 18.13 9.89
H11 GOL M . -5.21 18.71 9.93
H12 GOL M . -5.94 17.25 9.27
HO1 GOL M . -4.95 18.48 7.61
H2 GOL M . -4.13 17.37 11.37
HO2 GOL M . -4.62 15.17 9.59
H31 GOL M . -2.10 16.18 10.54
H32 GOL M . -2.65 16.43 8.88
HO3 GOL M . -1.12 18.04 9.90
C1 GOL N . 14.15 -15.32 -6.03
O1 GOL N . 12.79 -15.74 -6.03
C2 GOL N . 14.27 -14.00 -5.29
O2 GOL N . 15.40 -13.99 -4.44
C3 GOL N . 14.34 -12.82 -6.26
O3 GOL N . 15.62 -12.25 -6.21
H11 GOL N . 14.76 -16.07 -5.54
H12 GOL N . 14.49 -15.21 -7.05
HO1 GOL N . 12.70 -16.55 -6.55
H2 GOL N . 13.37 -13.87 -4.68
HO2 GOL N . 16.22 -14.07 -4.98
H31 GOL N . 14.12 -13.17 -7.27
H32 GOL N . 13.59 -12.08 -5.99
HO3 GOL N . 15.66 -11.47 -6.82
C1 GOL O . 12.42 16.02 -6.95
O1 GOL O . 13.76 15.62 -7.19
C2 GOL O . 12.15 17.37 -7.61
O2 GOL O . 11.16 17.17 -8.59
C3 GOL O . 11.74 18.42 -6.57
O3 GOL O . 12.16 19.71 -6.94
H11 GOL O . 11.75 15.27 -7.37
H12 GOL O . 12.25 16.09 -5.88
HO1 GOL O . 13.94 14.79 -6.71
H2 GOL O . 13.07 17.70 -8.08
HO2 GOL O . 10.33 16.89 -8.17
H31 GOL O . 10.65 18.41 -6.46
H32 GOL O . 12.17 18.16 -5.60
HO3 GOL O . 11.54 20.37 -6.57
C1 GOL P . -0.19 -4.93 -24.11
O1 GOL P . 0.95 -5.56 -23.54
C2 GOL P . -0.77 -5.79 -25.23
O2 GOL P . -0.81 -7.17 -24.91
C3 GOL P . -2.07 -5.21 -25.76
O3 GOL P . -1.80 -3.94 -26.35
H11 GOL P . -0.93 -4.77 -23.34
H12 GOL P . 0.10 -3.95 -24.51
HO1 GOL P . 1.36 -4.96 -22.88
H2 GOL P . -0.06 -5.69 -26.06
HO2 GOL P . -1.51 -7.32 -24.23
H31 GOL P . -2.51 -5.87 -26.50
H32 GOL P . -2.79 -5.07 -24.95
HO3 GOL P . -2.25 -3.89 -27.22
C1 GOL Q . 2.28 12.29 -20.85
O1 GOL Q . 0.91 12.67 -20.88
C2 GOL Q . 3.18 13.48 -21.24
O2 GOL Q . 2.46 14.39 -22.05
C3 GOL Q . 3.67 14.22 -20.01
O3 GOL Q . 4.75 15.06 -20.36
H11 GOL Q . 2.55 11.95 -19.85
H12 GOL Q . 2.45 11.47 -21.54
HO1 GOL Q . 0.36 11.88 -20.69
H2 GOL Q . 4.03 13.10 -21.79
HO2 GOL Q . 1.70 14.75 -21.54
H31 GOL Q . 2.86 14.82 -19.58
H32 GOL Q . 4.00 13.50 -19.25
HO3 GOL Q . 4.69 15.89 -19.85
C1 GOL R . -15.40 -18.71 -1.02
O1 GOL R . -14.23 -18.91 -0.26
C2 GOL R . -15.02 -18.28 -2.44
O2 GOL R . -13.72 -18.77 -2.73
C3 GOL R . -16.01 -18.81 -3.48
O3 GOL R . -16.62 -17.74 -4.17
H11 GOL R . -15.98 -19.63 -1.06
H12 GOL R . -16.02 -17.94 -0.55
HO1 GOL R . -14.47 -19.11 0.66
H2 GOL R . -15.02 -17.20 -2.49
HO2 GOL R . -13.73 -19.75 -2.71
H31 GOL R . -15.48 -19.45 -4.19
H32 GOL R . -16.77 -19.42 -2.99
HO3 GOL R . -16.93 -18.05 -5.04
#